data_4DEW
#
_entry.id   4DEW
#
_cell.length_a   43.264
_cell.length_b   84.782
_cell.length_c   65.087
_cell.angle_alpha   90.00
_cell.angle_beta   90.00
_cell.angle_gamma   90.00
#
_symmetry.space_group_name_H-M   'P 21 21 2'
#
loop_
_entity.id
_entity.type
_entity.pdbx_description
1 polymer Transthyretin
2 non-polymer 2-(3,4-dihydroxyphenyl)-5,7-dihydroxy-4H-chromen-4-one
3 water water
#
_entity_poly.entity_id   1
_entity_poly.type   'polypeptide(L)'
_entity_poly.pdbx_seq_one_letter_code
;MASHRLLLLCLAGLVFVSEAGPTGTGESKCPLMVKVLDAVRGSPAINVAVHVFRKAADDTWEPFASGKTSESGELHGLTT
EEEFVEGIYKVEIDTKSYWKALGISPFHEHAEVVFTANDSGPRRYTIAALLSPYSYSTTAVVTNPKE
;
_entity_poly.pdbx_strand_id   A,B
#
loop_
_chem_comp.id
_chem_comp.type
_chem_comp.name
_chem_comp.formula
LU2 non-polymer 2-(3,4-dihydroxyphenyl)-5,7-dihydroxy-4H-chromen-4-one 'C15 H10 O6'
#
# COMPACT_ATOMS: atom_id res chain seq x y z
N CYS A 30 13.68 -14.24 -13.53
CA CYS A 30 13.63 -12.83 -13.19
C CYS A 30 13.65 -12.62 -11.68
N PRO A 31 14.21 -11.51 -11.24
CA PRO A 31 14.31 -11.20 -9.83
C PRO A 31 13.13 -10.44 -9.24
N LEU A 32 12.23 -9.98 -10.07
CA LEU A 32 11.04 -9.32 -9.59
C LEU A 32 9.84 -9.82 -10.35
N MET A 33 8.86 -10.32 -9.65
CA MET A 33 7.65 -10.80 -10.22
C MET A 33 6.49 -10.25 -9.40
N VAL A 34 5.38 -9.99 -10.06
CA VAL A 34 4.18 -9.49 -9.41
C VAL A 34 3.01 -10.40 -9.74
N LYS A 35 2.26 -10.76 -8.72
CA LYS A 35 1.15 -11.64 -8.84
C LYS A 35 -0.09 -11.04 -8.20
N VAL A 36 -1.17 -10.96 -8.94
CA VAL A 36 -2.38 -10.35 -8.47
C VAL A 36 -3.59 -11.29 -8.55
N LEU A 37 -4.35 -11.33 -7.47
CA LEU A 37 -5.52 -12.15 -7.34
C LEU A 37 -6.79 -11.34 -7.02
N ASP A 38 -7.92 -11.80 -7.52
CA ASP A 38 -9.21 -11.22 -7.33
C ASP A 38 -9.98 -12.04 -6.28
N ALA A 39 -10.18 -11.46 -5.11
CA ALA A 39 -10.85 -12.10 -4.00
C ALA A 39 -12.38 -12.28 -4.13
N VAL A 40 -12.98 -11.49 -5.00
CA VAL A 40 -14.37 -11.57 -5.38
C VAL A 40 -14.74 -12.73 -6.28
N ARG A 41 -14.01 -12.91 -7.34
CA ARG A 41 -14.24 -13.94 -8.30
C ARG A 41 -13.41 -15.19 -8.06
N GLY A 42 -12.48 -15.14 -7.13
CA GLY A 42 -11.58 -16.25 -6.90
C GLY A 42 -10.79 -16.67 -8.13
N SER A 43 -10.13 -15.69 -8.71
CA SER A 43 -9.38 -15.85 -9.92
C SER A 43 -8.15 -14.96 -9.93
N PRO A 44 -7.25 -15.22 -10.84
CA PRO A 44 -6.20 -14.29 -11.14
C PRO A 44 -6.84 -13.00 -11.62
N ALA A 45 -6.19 -11.88 -11.31
CA ALA A 45 -6.63 -10.61 -11.80
C ALA A 45 -5.81 -10.29 -13.02
N ILE A 46 -6.49 -10.37 -14.14
CA ILE A 46 -5.89 -10.32 -15.44
C ILE A 46 -5.77 -8.91 -16.00
N ASN A 47 -4.74 -8.58 -16.75
N ASN A 47 -4.76 -8.57 -16.79
CA ASN A 47 -4.74 -7.30 -17.48
CA ASN A 47 -4.76 -7.26 -17.50
C ASN A 47 -4.74 -6.02 -16.60
C ASN A 47 -4.73 -6.00 -16.59
N VAL A 48 -4.24 -6.22 -15.43
CA VAL A 48 -3.87 -5.26 -14.40
C VAL A 48 -2.52 -4.54 -14.64
N ALA A 49 -2.56 -3.24 -14.77
CA ALA A 49 -1.38 -2.47 -15.04
C ALA A 49 -0.53 -2.33 -13.81
N VAL A 50 0.75 -2.54 -13.99
CA VAL A 50 1.71 -2.41 -12.92
C VAL A 50 2.88 -1.51 -13.35
N HIS A 51 3.19 -0.52 -12.53
CA HIS A 51 4.30 0.40 -12.75
C HIS A 51 5.30 0.31 -11.61
N VAL A 52 6.57 0.22 -11.96
CA VAL A 52 7.65 0.17 -11.02
C VAL A 52 8.57 1.40 -11.14
N PHE A 53 8.90 1.95 -9.99
CA PHE A 53 9.75 3.10 -9.86
C PHE A 53 10.90 2.79 -8.91
N ARG A 54 11.97 3.53 -9.06
CA ARG A 54 13.14 3.42 -8.22
C ARG A 54 13.56 4.80 -7.74
N LYS A 55 13.82 4.93 -6.46
CA LYS A 55 14.19 6.20 -5.91
C LYS A 55 15.58 6.63 -6.38
N ALA A 56 15.64 7.81 -6.95
CA ALA A 56 16.88 8.31 -7.50
C ALA A 56 17.72 8.97 -6.43
N ALA A 57 18.93 9.34 -6.80
CA ALA A 57 19.82 10.07 -5.93
C ALA A 57 19.22 11.35 -5.31
N ASP A 58 18.49 12.11 -6.09
CA ASP A 58 17.89 13.35 -5.61
C ASP A 58 16.56 13.13 -4.91
N ASP A 59 16.28 11.89 -4.56
CA ASP A 59 15.09 11.57 -3.83
C ASP A 59 13.83 11.58 -4.65
N THR A 60 13.95 11.68 -5.95
CA THR A 60 12.80 11.56 -6.79
C THR A 60 12.59 10.11 -7.25
N TRP A 61 11.35 9.76 -7.57
CA TRP A 61 11.01 8.47 -8.14
C TRP A 61 11.19 8.40 -9.61
N GLU A 62 12.07 7.57 -10.07
CA GLU A 62 12.23 7.38 -11.47
C GLU A 62 11.54 6.14 -12.02
N PRO A 63 10.95 6.24 -13.19
CA PRO A 63 10.43 5.07 -13.90
C PRO A 63 11.45 3.95 -14.08
N PHE A 64 11.09 2.77 -13.66
CA PHE A 64 11.95 1.63 -13.74
C PHE A 64 11.46 0.57 -14.74
N ALA A 65 10.21 0.19 -14.65
CA ALA A 65 9.62 -0.78 -15.53
C ALA A 65 8.12 -0.77 -15.41
N SER A 66 7.45 -1.40 -16.33
CA SER A 66 6.04 -1.56 -16.28
C SER A 66 5.54 -2.71 -17.14
N GLY A 67 4.30 -3.08 -16.91
CA GLY A 67 3.65 -4.16 -17.63
C GLY A 67 2.23 -4.42 -17.15
N LYS A 68 1.62 -5.47 -17.66
CA LYS A 68 0.31 -5.94 -17.25
C LYS A 68 0.30 -7.41 -16.89
N THR A 69 -0.50 -7.79 -15.92
CA THR A 69 -0.65 -9.15 -15.53
C THR A 69 -1.28 -9.97 -16.68
N SER A 70 -0.82 -11.19 -16.80
CA SER A 70 -1.26 -12.16 -17.78
C SER A 70 -2.51 -12.89 -17.31
N GLU A 71 -2.92 -13.89 -18.09
CA GLU A 71 -4.09 -14.68 -17.80
C GLU A 71 -3.97 -15.38 -16.49
N SER A 72 -2.75 -15.61 -16.05
CA SER A 72 -2.51 -16.21 -14.78
C SER A 72 -2.41 -15.25 -13.60
N GLY A 73 -2.54 -13.96 -13.85
CA GLY A 73 -2.39 -12.92 -12.88
C GLY A 73 -0.95 -12.58 -12.51
N GLU A 74 -0.01 -13.08 -13.29
CA GLU A 74 1.39 -12.85 -13.08
C GLU A 74 2.02 -11.89 -14.08
N LEU A 75 3.02 -11.17 -13.62
CA LEU A 75 3.78 -10.29 -14.44
C LEU A 75 5.25 -10.60 -14.23
N HIS A 76 5.82 -11.15 -15.28
CA HIS A 76 7.20 -11.56 -15.39
C HIS A 76 7.97 -10.65 -16.33
N GLY A 77 9.27 -10.67 -16.20
CA GLY A 77 10.10 -10.02 -17.17
C GLY A 77 10.24 -8.55 -16.95
N LEU A 78 9.88 -8.07 -15.77
CA LEU A 78 10.03 -6.67 -15.51
C LEU A 78 11.47 -6.18 -15.58
N THR A 79 12.38 -6.98 -15.10
CA THR A 79 13.77 -6.55 -14.99
C THR A 79 14.76 -7.70 -15.04
N THR A 80 16.03 -7.38 -14.87
CA THR A 80 17.09 -8.33 -14.89
C THR A 80 17.97 -8.24 -13.65
N GLU A 81 18.75 -9.27 -13.40
CA GLU A 81 19.66 -9.24 -12.28
C GLU A 81 20.65 -8.09 -12.30
N GLU A 82 21.15 -7.70 -13.45
CA GLU A 82 22.11 -6.60 -13.45
C GLU A 82 21.46 -5.24 -13.36
N GLU A 83 20.26 -5.11 -13.90
CA GLU A 83 19.53 -3.87 -13.81
C GLU A 83 19.00 -3.59 -12.40
N PHE A 84 18.61 -4.63 -11.71
CA PHE A 84 17.85 -4.52 -10.50
C PHE A 84 18.82 -4.40 -9.34
N VAL A 85 19.45 -3.24 -9.24
CA VAL A 85 20.47 -2.98 -8.24
C VAL A 85 19.81 -2.68 -6.90
N GLU A 86 20.61 -2.52 -5.85
CA GLU A 86 20.13 -2.03 -4.59
C GLU A 86 19.36 -0.75 -4.77
N GLY A 87 18.31 -0.59 -4.03
CA GLY A 87 17.66 0.66 -3.92
C GLY A 87 16.30 0.55 -3.28
N ILE A 88 15.57 1.64 -3.30
CA ILE A 88 14.22 1.66 -2.81
C ILE A 88 13.31 1.69 -4.04
N TYR A 89 12.42 0.74 -4.07
CA TYR A 89 11.56 0.50 -5.20
C TYR A 89 10.09 0.65 -4.84
N LYS A 90 9.31 1.13 -5.77
CA LYS A 90 7.90 1.26 -5.59
C LYS A 90 7.15 0.53 -6.69
N VAL A 91 6.23 -0.34 -6.32
CA VAL A 91 5.39 -1.03 -7.25
C VAL A 91 3.95 -0.54 -7.06
N GLU A 92 3.41 0.09 -8.08
CA GLU A 92 2.08 0.64 -8.04
C GLU A 92 1.18 -0.20 -8.93
N ILE A 93 0.15 -0.78 -8.34
CA ILE A 93 -0.76 -1.65 -9.03
C ILE A 93 -2.07 -0.92 -9.27
N ASP A 94 -2.50 -0.85 -10.52
CA ASP A 94 -3.66 -0.05 -10.86
C ASP A 94 -4.95 -0.82 -10.65
N THR A 95 -5.29 -0.94 -9.39
CA THR A 95 -6.46 -1.63 -8.91
C THR A 95 -7.76 -0.95 -9.32
N LYS A 96 -7.74 0.37 -9.35
CA LYS A 96 -8.96 1.08 -9.66
C LYS A 96 -9.48 0.77 -11.06
N SER A 97 -8.61 0.78 -12.05
CA SER A 97 -8.99 0.47 -13.40
C SER A 97 -9.53 -0.95 -13.50
N TYR A 98 -8.95 -1.89 -12.77
CA TYR A 98 -9.42 -3.24 -12.76
C TYR A 98 -10.84 -3.38 -12.26
N TRP A 99 -11.14 -2.80 -11.13
CA TRP A 99 -12.47 -2.86 -10.57
C TRP A 99 -13.50 -2.12 -11.45
N LYS A 100 -13.11 -0.99 -11.96
CA LYS A 100 -14.00 -0.20 -12.79
C LYS A 100 -14.39 -0.94 -14.05
N ALA A 101 -13.45 -1.65 -14.65
CA ALA A 101 -13.72 -2.43 -15.84
C ALA A 101 -14.72 -3.54 -15.55
N LEU A 102 -14.80 -3.97 -14.32
CA LEU A 102 -15.75 -4.93 -13.88
C LEU A 102 -17.08 -4.33 -13.36
N GLY A 103 -17.24 -3.04 -13.47
CA GLY A 103 -18.44 -2.37 -13.05
C GLY A 103 -18.48 -1.90 -11.60
N ILE A 104 -17.37 -2.03 -10.91
CA ILE A 104 -17.27 -1.75 -9.51
C ILE A 104 -16.48 -0.48 -9.27
N SER A 105 -16.99 0.37 -8.41
CA SER A 105 -16.30 1.56 -7.98
C SER A 105 -15.60 1.24 -6.66
N PRO A 106 -14.31 1.04 -6.72
CA PRO A 106 -13.50 0.60 -5.58
C PRO A 106 -13.11 1.73 -4.64
N PHE A 107 -12.68 1.42 -3.43
CA PHE A 107 -12.19 2.45 -2.54
C PHE A 107 -10.83 3.09 -2.89
N HIS A 108 -9.86 2.27 -3.20
CA HIS A 108 -8.49 2.70 -3.36
C HIS A 108 -8.22 3.17 -4.78
N GLU A 109 -7.36 4.17 -4.91
CA GLU A 109 -6.83 4.57 -6.19
C GLU A 109 -5.93 3.51 -6.85
N HIS A 110 -5.16 2.84 -6.03
CA HIS A 110 -4.21 1.85 -6.43
C HIS A 110 -3.72 1.14 -5.19
N ALA A 111 -2.90 0.14 -5.38
CA ALA A 111 -2.19 -0.51 -4.32
C ALA A 111 -0.69 -0.23 -4.57
N GLU A 112 -0.02 0.34 -3.60
CA GLU A 112 1.38 0.69 -3.72
C GLU A 112 2.22 -0.10 -2.73
N VAL A 113 3.31 -0.67 -3.20
CA VAL A 113 4.19 -1.40 -2.35
C VAL A 113 5.60 -0.75 -2.43
N VAL A 114 6.15 -0.31 -1.32
CA VAL A 114 7.44 0.32 -1.29
C VAL A 114 8.43 -0.43 -0.43
N PHE A 115 9.60 -0.68 -0.97
CA PHE A 115 10.54 -1.57 -0.33
C PHE A 115 11.99 -1.32 -0.73
N THR A 116 12.90 -1.59 0.19
CA THR A 116 14.31 -1.65 -0.07
C THR A 116 14.68 -3.02 -0.62
N ALA A 117 15.40 -3.05 -1.73
CA ALA A 117 15.75 -4.26 -2.39
C ALA A 117 17.29 -4.49 -2.42
N ASN A 118 17.67 -5.74 -2.28
CA ASN A 118 18.98 -6.22 -2.50
C ASN A 118 19.98 -5.63 -1.54
N ASP A 119 19.51 -5.20 -0.38
CA ASP A 119 20.32 -4.56 0.60
C ASP A 119 21.38 -5.50 1.12
N SER A 120 21.04 -6.77 1.20
CA SER A 120 21.97 -7.76 1.65
C SER A 120 22.45 -8.66 0.52
N GLY A 121 22.56 -8.17 -0.68
CA GLY A 121 22.89 -9.00 -1.80
C GLY A 121 21.65 -9.31 -2.59
N PRO A 122 21.81 -9.79 -3.80
CA PRO A 122 20.66 -9.99 -4.68
C PRO A 122 19.68 -11.03 -4.14
N ARG A 123 18.41 -10.75 -4.29
CA ARG A 123 17.37 -11.70 -3.95
C ARG A 123 16.31 -11.75 -5.05
N ARG A 124 15.48 -12.78 -5.06
CA ARG A 124 14.30 -12.82 -5.88
C ARG A 124 13.05 -12.42 -5.09
N TYR A 125 12.29 -11.51 -5.65
CA TYR A 125 11.15 -10.91 -4.99
C TYR A 125 9.87 -11.23 -5.75
N THR A 126 8.91 -11.79 -5.06
CA THR A 126 7.58 -11.91 -5.57
C THR A 126 6.65 -11.02 -4.75
N ILE A 127 6.04 -10.08 -5.40
CA ILE A 127 5.11 -9.19 -4.78
C ILE A 127 3.71 -9.70 -5.11
N ALA A 128 2.97 -10.14 -4.13
CA ALA A 128 1.63 -10.63 -4.34
C ALA A 128 0.60 -9.67 -3.78
N ALA A 129 -0.46 -9.45 -4.51
CA ALA A 129 -1.55 -8.63 -4.07
C ALA A 129 -2.87 -9.38 -4.17
N LEU A 130 -3.68 -9.27 -3.16
CA LEU A 130 -4.98 -9.87 -3.15
C LEU A 130 -6.04 -8.78 -3.03
N LEU A 131 -6.93 -8.72 -4.01
CA LEU A 131 -7.77 -7.61 -4.25
C LEU A 131 -9.27 -7.80 -3.92
N SER A 132 -9.80 -6.88 -3.17
CA SER A 132 -11.22 -6.70 -2.99
C SER A 132 -11.60 -5.23 -3.19
N PRO A 133 -12.85 -4.95 -3.42
CA PRO A 133 -13.21 -3.58 -3.77
C PRO A 133 -12.84 -2.56 -2.68
N TYR A 134 -13.00 -2.92 -1.42
CA TYR A 134 -12.69 -2.00 -0.32
C TYR A 134 -11.57 -2.52 0.58
N SER A 135 -10.73 -3.39 0.05
CA SER A 135 -9.62 -3.94 0.78
C SER A 135 -8.58 -4.58 -0.13
N TYR A 136 -7.35 -4.61 0.33
CA TYR A 136 -6.33 -5.39 -0.30
C TYR A 136 -5.25 -5.76 0.66
N SER A 137 -4.58 -6.87 0.35
CA SER A 137 -3.46 -7.36 1.13
C SER A 137 -2.32 -7.47 0.12
N THR A 138 -1.10 -7.24 0.59
CA THR A 138 0.10 -7.46 -0.17
C THR A 138 1.11 -8.18 0.68
N THR A 139 1.84 -9.08 0.04
N THR A 139 1.83 -9.08 0.06
CA THR A 139 2.79 -9.94 0.70
CA THR A 139 2.80 -9.89 0.73
C THR A 139 4.00 -10.03 -0.20
C THR A 139 3.99 -10.05 -0.19
N ALA A 140 5.14 -10.16 0.42
CA ALA A 140 6.37 -10.37 -0.29
C ALA A 140 6.95 -11.71 0.04
N VAL A 141 7.32 -12.44 -0.98
CA VAL A 141 8.09 -13.62 -0.83
C VAL A 141 9.48 -13.41 -1.41
N VAL A 142 10.47 -13.53 -0.54
CA VAL A 142 11.82 -13.22 -0.85
C VAL A 142 12.67 -14.46 -0.69
N THR A 143 13.31 -14.83 -1.76
CA THR A 143 14.09 -16.00 -1.81
C THR A 143 15.49 -15.74 -2.36
N ASN A 144 16.41 -16.62 -2.04
CA ASN A 144 17.78 -16.36 -2.25
C ASN A 144 18.24 -17.15 -3.44
N PRO A 145 18.64 -16.46 -4.50
CA PRO A 145 18.79 -17.04 -5.82
C PRO A 145 19.60 -18.36 -5.85
N CYS B 30 -15.73 12.98 13.79
CA CYS B 30 -14.55 12.28 13.33
C CYS B 30 -14.83 11.64 12.01
N PRO B 31 -14.69 12.38 10.95
CA PRO B 31 -14.89 11.86 9.61
C PRO B 31 -13.86 10.82 9.21
N LEU B 32 -12.67 10.89 9.76
CA LEU B 32 -11.57 9.99 9.41
C LEU B 32 -10.88 9.39 10.63
N MET B 33 -10.76 8.08 10.68
CA MET B 33 -10.13 7.39 11.78
C MET B 33 -9.17 6.34 11.22
N VAL B 34 -8.10 6.05 11.91
CA VAL B 34 -7.14 5.04 11.51
C VAL B 34 -6.97 4.03 12.64
N LYS B 35 -7.02 2.77 12.30
CA LYS B 35 -6.83 1.69 13.24
C LYS B 35 -5.80 0.70 12.76
N VAL B 36 -4.81 0.41 13.57
CA VAL B 36 -3.73 -0.45 13.20
C VAL B 36 -3.59 -1.63 14.17
N LEU B 37 -3.46 -2.81 13.61
CA LEU B 37 -3.29 -4.04 14.36
C LEU B 37 -1.99 -4.80 14.02
N ASP B 38 -1.51 -5.53 15.01
CA ASP B 38 -0.27 -6.29 14.93
C ASP B 38 -0.61 -7.77 14.90
N ALA B 39 -0.39 -8.39 13.76
CA ALA B 39 -0.67 -9.77 13.53
C ALA B 39 0.27 -10.78 14.15
N VAL B 40 1.48 -10.34 14.43
CA VAL B 40 2.47 -11.08 15.17
C VAL B 40 2.18 -11.25 16.67
N ARG B 41 1.85 -10.17 17.33
CA ARG B 41 1.56 -10.18 18.73
C ARG B 41 0.06 -10.25 19.07
N GLY B 42 -0.80 -10.18 18.07
CA GLY B 42 -2.22 -10.18 18.30
C GLY B 42 -2.70 -9.07 19.23
N SER B 43 -2.37 -7.87 18.83
CA SER B 43 -2.60 -6.70 19.62
C SER B 43 -2.75 -5.47 18.77
N PRO B 44 -3.23 -4.43 19.40
CA PRO B 44 -3.22 -3.14 18.75
C PRO B 44 -1.77 -2.74 18.46
N ALA B 45 -1.56 -2.03 17.37
CA ALA B 45 -0.26 -1.50 17.06
C ALA B 45 -0.20 -0.08 17.59
N ILE B 46 0.60 0.06 18.60
CA ILE B 46 0.64 1.21 19.45
C ILE B 46 1.83 2.09 19.09
N ASN B 47 1.61 3.38 19.11
CA ASN B 47 2.63 4.36 18.84
C ASN B 47 3.14 4.32 17.41
N VAL B 48 2.31 3.88 16.50
CA VAL B 48 2.64 3.93 15.09
C VAL B 48 2.36 5.33 14.52
N ALA B 49 3.35 5.93 13.87
CA ALA B 49 3.17 7.19 13.23
C ALA B 49 2.34 7.08 11.97
N VAL B 50 1.42 8.01 11.83
CA VAL B 50 0.58 8.11 10.69
C VAL B 50 0.54 9.52 10.13
N HIS B 51 0.72 9.64 8.84
CA HIS B 51 0.63 10.91 8.13
C HIS B 51 -0.43 10.90 7.04
N VAL B 52 -1.24 11.93 6.99
CA VAL B 52 -2.26 12.09 6.00
C VAL B 52 -1.94 13.27 5.09
N PHE B 53 -2.07 13.05 3.82
CA PHE B 53 -1.80 14.04 2.79
C PHE B 53 -3.03 14.20 1.91
N ARG B 54 -3.16 15.36 1.33
CA ARG B 54 -4.18 15.64 0.35
C ARG B 54 -3.55 16.07 -0.95
N LYS B 55 -4.05 15.55 -2.04
CA LYS B 55 -3.44 15.81 -3.30
C LYS B 55 -3.72 17.23 -3.75
N ALA B 56 -2.67 17.92 -4.16
CA ALA B 56 -2.80 19.29 -4.59
C ALA B 56 -2.88 19.47 -6.08
N ALA B 57 -3.38 20.60 -6.50
CA ALA B 57 -3.61 20.87 -7.91
C ALA B 57 -2.38 20.59 -8.75
N ASP B 58 -1.22 20.90 -8.23
CA ASP B 58 0.01 20.59 -8.89
C ASP B 58 0.42 19.12 -8.73
N ASP B 59 -0.49 18.33 -8.18
CA ASP B 59 -0.38 16.87 -8.23
C ASP B 59 0.54 16.33 -7.17
N THR B 60 1.10 17.22 -6.37
CA THR B 60 1.90 16.78 -5.25
C THR B 60 1.09 16.64 -3.97
N TRP B 61 1.68 16.01 -3.00
CA TRP B 61 1.00 15.69 -1.78
C TRP B 61 1.33 16.71 -0.74
N GLU B 62 0.34 17.43 -0.26
CA GLU B 62 0.58 18.23 0.92
C GLU B 62 0.07 17.67 2.21
N PRO B 63 0.87 17.82 3.22
CA PRO B 63 0.55 17.31 4.54
C PRO B 63 -0.71 17.94 5.02
N PHE B 64 -1.54 17.17 5.66
CA PHE B 64 -2.91 17.56 5.97
C PHE B 64 -3.07 17.29 7.47
N ALA B 65 -2.57 16.16 7.96
CA ALA B 65 -2.72 15.79 9.35
C ALA B 65 -1.79 14.64 9.72
N SER B 66 -1.57 14.44 11.00
CA SER B 66 -0.75 13.33 11.48
C SER B 66 -0.93 13.05 12.95
N GLY B 67 -0.44 11.91 13.37
CA GLY B 67 -0.56 11.45 14.72
C GLY B 67 0.13 10.10 14.94
N LYS B 68 0.04 9.62 16.17
CA LYS B 68 0.42 8.29 16.57
C LYS B 68 -0.76 7.51 17.13
N THR B 69 -0.84 6.25 16.78
CA THR B 69 -1.88 5.40 17.30
C THR B 69 -1.78 5.31 18.82
N SER B 70 -2.92 5.27 19.44
N SER B 70 -2.93 5.29 19.44
CA SER B 70 -3.05 5.11 20.84
CA SER B 70 -3.19 5.00 20.81
C SER B 70 -2.84 3.67 21.24
C SER B 70 -2.83 3.64 21.24
N GLU B 71 -3.00 3.48 22.52
CA GLU B 71 -2.99 2.19 23.20
C GLU B 71 -3.95 1.17 22.61
N SER B 72 -5.05 1.65 22.08
CA SER B 72 -5.99 0.78 21.44
C SER B 72 -5.71 0.64 19.94
N GLY B 73 -4.58 1.17 19.51
CA GLY B 73 -4.20 1.18 18.13
C GLY B 73 -5.01 2.06 17.21
N GLU B 74 -5.69 3.04 17.77
CA GLU B 74 -6.51 3.98 17.04
C GLU B 74 -5.93 5.40 17.00
N LEU B 75 -6.24 6.11 15.94
CA LEU B 75 -5.90 7.49 15.81
C LEU B 75 -7.14 8.26 15.40
N HIS B 76 -7.62 9.07 16.31
CA HIS B 76 -8.81 9.87 16.16
C HIS B 76 -8.43 11.36 16.03
N GLY B 77 -9.37 12.16 15.61
CA GLY B 77 -9.21 13.58 15.69
C GLY B 77 -8.31 14.11 14.62
N LEU B 78 -8.11 13.38 13.56
CA LEU B 78 -7.23 13.82 12.53
C LEU B 78 -7.77 15.04 11.80
N THR B 79 -9.08 15.11 11.68
CA THR B 79 -9.66 16.16 10.90
C THR B 79 -11.09 16.49 11.33
N THR B 80 -11.74 17.36 10.59
CA THR B 80 -13.10 17.73 10.87
C THR B 80 -13.93 17.69 9.63
N GLU B 81 -15.24 17.70 9.79
CA GLU B 81 -16.16 17.66 8.68
C GLU B 81 -16.03 18.84 7.72
N GLU B 82 -15.74 20.01 8.24
CA GLU B 82 -15.59 21.19 7.42
C GLU B 82 -14.36 21.05 6.53
N GLU B 83 -13.29 20.58 7.14
CA GLU B 83 -11.99 20.41 6.57
C GLU B 83 -11.87 19.28 5.59
N PHE B 84 -12.56 18.20 5.88
CA PHE B 84 -12.41 17.00 5.11
C PHE B 84 -13.32 17.00 3.90
N VAL B 85 -12.93 17.77 2.90
CA VAL B 85 -13.66 17.92 1.66
C VAL B 85 -13.31 16.83 0.66
N GLU B 86 -14.09 16.72 -0.40
CA GLU B 86 -13.82 15.76 -1.43
C GLU B 86 -12.47 16.01 -1.97
N GLY B 87 -11.79 14.93 -2.27
CA GLY B 87 -10.48 14.98 -2.85
C GLY B 87 -9.81 13.62 -2.78
N ILE B 88 -8.55 13.59 -3.16
CA ILE B 88 -7.78 12.38 -3.08
C ILE B 88 -6.85 12.53 -1.92
N TYR B 89 -6.85 11.55 -1.05
CA TYR B 89 -6.09 11.55 0.16
C TYR B 89 -5.19 10.34 0.23
N LYS B 90 -4.06 10.51 0.88
CA LYS B 90 -3.13 9.45 1.15
C LYS B 90 -2.89 9.34 2.63
N VAL B 91 -2.98 8.15 3.15
CA VAL B 91 -2.62 7.86 4.51
C VAL B 91 -1.38 7.00 4.51
N GLU B 92 -0.35 7.48 5.14
CA GLU B 92 0.91 6.80 5.22
C GLU B 92 1.17 6.32 6.64
N ILE B 93 1.40 5.04 6.80
CA ILE B 93 1.61 4.41 8.08
C ILE B 93 3.07 3.97 8.18
N ASP B 94 3.76 4.41 9.21
CA ASP B 94 5.15 4.09 9.33
C ASP B 94 5.34 2.73 9.96
N THR B 95 5.12 1.73 9.15
CA THR B 95 5.25 0.35 9.55
C THR B 95 6.69 -0.09 9.90
N LYS B 96 7.64 0.41 9.14
CA LYS B 96 9.03 0.04 9.30
C LYS B 96 9.61 0.40 10.68
N SER B 97 9.31 1.60 11.16
CA SER B 97 9.72 2.01 12.51
C SER B 97 9.07 1.13 13.57
N TYR B 98 7.82 0.74 13.36
CA TYR B 98 7.16 -0.10 14.31
C TYR B 98 7.87 -1.45 14.45
N TRP B 99 8.17 -2.08 13.33
CA TRP B 99 8.85 -3.35 13.35
C TRP B 99 10.27 -3.23 13.90
N LYS B 100 10.94 -2.15 13.56
CA LYS B 100 12.26 -1.88 14.08
C LYS B 100 12.19 -1.76 15.59
N ALA B 101 11.16 -1.15 16.09
CA ALA B 101 10.98 -1.00 17.51
C ALA B 101 10.90 -2.36 18.22
N LEU B 102 10.32 -3.34 17.56
CA LEU B 102 10.16 -4.66 18.10
C LEU B 102 11.29 -5.61 17.79
N GLY B 103 12.31 -5.14 17.09
CA GLY B 103 13.40 -5.97 16.66
C GLY B 103 13.12 -7.03 15.61
N ILE B 104 12.18 -6.77 14.72
CA ILE B 104 11.81 -7.67 13.67
C ILE B 104 12.02 -7.03 12.29
N SER B 105 12.75 -7.70 11.40
CA SER B 105 13.07 -7.14 10.11
C SER B 105 11.81 -7.05 9.29
N PRO B 106 11.54 -5.89 8.76
CA PRO B 106 10.37 -5.66 7.94
C PRO B 106 10.68 -5.55 6.44
N PHE B 107 9.74 -5.88 5.61
CA PHE B 107 9.91 -5.70 4.21
C PHE B 107 9.62 -4.31 3.68
N HIS B 108 8.48 -3.78 4.03
CA HIS B 108 7.98 -2.51 3.50
C HIS B 108 8.62 -1.29 4.15
N GLU B 109 8.80 -0.25 3.38
CA GLU B 109 9.16 1.02 3.93
C GLU B 109 8.07 1.63 4.79
N HIS B 110 6.84 1.46 4.36
CA HIS B 110 5.64 1.96 4.98
C HIS B 110 4.45 1.31 4.32
N ALA B 111 3.28 1.58 4.83
CA ALA B 111 2.05 1.21 4.17
C ALA B 111 1.28 2.46 3.77
N GLU B 112 0.91 2.55 2.52
CA GLU B 112 0.30 3.73 1.94
C GLU B 112 -1.13 3.38 1.49
N VAL B 113 -2.08 4.22 1.81
CA VAL B 113 -3.43 3.97 1.38
C VAL B 113 -3.88 5.23 0.67
N VAL B 114 -4.29 5.13 -0.57
CA VAL B 114 -4.69 6.26 -1.34
C VAL B 114 -6.13 6.09 -1.82
N PHE B 115 -6.93 7.11 -1.60
CA PHE B 115 -8.33 7.01 -1.85
C PHE B 115 -8.96 8.36 -2.21
N THR B 116 -10.07 8.31 -2.93
CA THR B 116 -10.94 9.46 -3.14
C THR B 116 -12.04 9.54 -2.10
N ALA B 117 -12.14 10.65 -1.40
CA ALA B 117 -13.26 10.92 -0.53
C ALA B 117 -14.35 11.58 -1.33
N ASN B 118 -15.57 11.06 -1.26
CA ASN B 118 -16.70 11.67 -1.96
C ASN B 118 -18.02 11.75 -1.15
N ASP B 119 -18.52 12.84 -1.60
CA ASP B 119 -19.81 13.20 -0.99
C ASP B 119 -20.96 12.52 -1.72
N PRO B 122 -22.98 11.90 3.98
CA PRO B 122 -22.64 12.06 5.39
C PRO B 122 -21.68 10.98 5.91
N ARG B 123 -20.66 10.62 5.14
CA ARG B 123 -19.76 9.50 5.51
C ARG B 123 -18.71 9.61 6.63
N ARG B 124 -18.41 8.51 7.26
CA ARG B 124 -17.31 8.43 8.16
C ARG B 124 -16.41 7.32 7.64
N TYR B 125 -15.11 7.56 7.64
CA TYR B 125 -14.12 6.64 7.11
C TYR B 125 -13.22 6.08 8.17
N THR B 126 -13.15 4.77 8.25
CA THR B 126 -12.18 4.12 9.06
C THR B 126 -11.20 3.37 8.17
N ILE B 127 -9.95 3.69 8.27
CA ILE B 127 -8.94 3.03 7.52
C ILE B 127 -8.26 2.06 8.47
N ALA B 128 -8.43 0.78 8.23
CA ALA B 128 -7.85 -0.22 9.08
C ALA B 128 -6.68 -0.91 8.42
N ALA B 129 -5.65 -1.19 9.18
CA ALA B 129 -4.52 -1.91 8.69
C ALA B 129 -4.09 -3.05 9.62
N LEU B 130 -3.82 -4.19 9.04
CA LEU B 130 -3.34 -5.34 9.75
C LEU B 130 -1.92 -5.61 9.29
N LEU B 131 -1.00 -5.60 10.23
CA LEU B 131 0.41 -5.59 9.97
C LEU B 131 1.14 -6.89 10.30
N SER B 132 1.92 -7.35 9.35
CA SER B 132 2.93 -8.37 9.53
C SER B 132 4.29 -7.93 8.91
N PRO B 133 5.39 -8.55 9.30
CA PRO B 133 6.67 -8.03 8.86
C PRO B 133 6.81 -8.03 7.35
N TYR B 134 6.33 -9.07 6.70
CA TYR B 134 6.37 -9.21 5.25
C TYR B 134 5.05 -9.04 4.48
N SER B 135 4.02 -8.63 5.19
CA SER B 135 2.71 -8.49 4.63
C SER B 135 1.86 -7.50 5.37
N TYR B 136 0.98 -6.83 4.67
CA TYR B 136 -0.06 -6.07 5.32
C TYR B 136 -1.35 -6.07 4.53
N SER B 137 -2.45 -5.85 5.22
CA SER B 137 -3.77 -5.74 4.60
C SER B 137 -4.39 -4.44 5.10
N THR B 138 -5.10 -3.75 4.22
CA THR B 138 -5.84 -2.57 4.57
C THR B 138 -7.24 -2.62 4.05
N THR B 139 -8.13 -2.07 4.82
N THR B 139 -8.13 -2.09 4.83
CA THR B 139 -9.52 -2.12 4.52
CA THR B 139 -9.49 -2.07 4.44
C THR B 139 -10.14 -0.81 4.89
C THR B 139 -10.16 -0.82 4.89
N ALA B 140 -11.15 -0.43 4.17
CA ALA B 140 -11.91 0.76 4.47
C ALA B 140 -13.29 0.36 4.93
N VAL B 141 -13.68 0.89 6.07
CA VAL B 141 -15.03 0.78 6.53
C VAL B 141 -15.68 2.16 6.45
N VAL B 142 -16.65 2.28 5.58
CA VAL B 142 -17.26 3.53 5.25
C VAL B 142 -18.72 3.46 5.64
N THR B 143 -19.13 4.34 6.55
CA THR B 143 -20.45 4.26 7.17
C THR B 143 -21.24 5.58 7.44
N ASN B 144 -22.56 5.45 7.37
CA ASN B 144 -23.44 6.59 7.61
C ASN B 144 -23.40 7.60 6.46
C1 LU2 C . 2.54 -16.30 -3.81
O1 LU2 C . 4.57 -17.01 -4.67
C2 LU2 C . 3.25 -17.07 -4.69
O2 LU2 C . 0.60 -18.81 -6.43
C3 LU2 C . 2.58 -17.92 -5.59
O3 LU2 C . -1.56 -18.05 -5.28
C4 LU2 C . 1.20 -17.99 -5.56
O4 LU2 C . 0.53 -15.62 -2.91
C5 LU2 C . 0.48 -17.21 -4.66
O5 LU2 C . -1.57 -11.36 -0.53
C6 LU2 C . 1.16 -16.40 -3.80
O6 LU2 C . -3.14 -12.92 1.08
C7 LU2 C . -0.90 -17.27 -4.60
C8 LU2 C . -1.53 -16.53 -3.62
C9 LU2 C . -0.80 -15.68 -2.83
C10 LU2 C . -1.37 -14.92 -1.86
C11 LU2 C . -1.15 -13.53 -1.76
C12 LU2 C . -1.73 -12.77 -0.75
C13 LU2 C . -2.53 -13.53 0.09
C14 LU2 C . -2.76 -14.90 0.01
C15 LU2 C . -2.17 -15.62 -0.97
C1 LU2 D . -10.31 -5.16 15.32
O1 LU2 D . -10.57 -4.85 17.64
C2 LU2 D . -10.84 -4.48 16.39
O2 LU2 D . -12.67 -1.87 14.86
C3 LU2 D . -11.64 -3.37 16.18
O3 LU2 D . -12.13 -2.21 12.14
C4 LU2 D . -11.89 -2.93 14.91
O4 LU2 D . -10.04 -5.41 13.08
C5 LU2 D . -11.37 -3.60 13.80
O5 LU2 D . -8.81 -9.36 10.02
C6 LU2 D . -10.58 -4.71 14.05
O6 LU2 D . -7.63 -7.94 8.07
C7 LU2 D . -11.54 -3.24 12.48
C8 LU2 D . -10.86 -3.89 11.51
C9 LU2 D . -10.15 -5.03 11.81
C10 LU2 D . -9.50 -5.77 10.86
C11 LU2 D . -9.51 -7.17 10.93
C12 LU2 D . -8.87 -7.96 9.99
C13 LU2 D . -8.25 -7.25 8.99
C14 LU2 D . -8.21 -5.87 8.89
C15 LU2 D . -8.85 -5.13 9.84
#